data_3K2X
#
_entry.id   3K2X
#
_cell.length_a   117.475
_cell.length_b   67.673
_cell.length_c   60.025
_cell.angle_alpha   90.00
_cell.angle_beta   96.13
_cell.angle_gamma   90.00
#
_symmetry.space_group_name_H-M   'C 1 2 1'
#
loop_
_entity.id
_entity.type
_entity.pdbx_description
1 polymer '2-C-methyl-D-erythritol 2,4-cyclodiphosphate synthase'
2 non-polymer 'ZINC ION'
3 non-polymer "5'-deoxy-5'-iodocytidine"
4 non-polymer 'CHLORIDE ION'
5 non-polymer 'POTASSIUM ION'
6 water water
#
_entity_poly.entity_id   1
_entity_poly.type   'polypeptide(L)'
_entity_poly.pdbx_seq_one_letter_code
;MAHHHHHHMGTLEAQTQGPGSMDFRIGQGYDVHQLVPGRPLIIGGVTIPYERGLLGHSDADVLLHAITDALFGAAALGDI
GRHFSDTDPRFKGADSRALLRECASRVAQAGFAIRNVDSTIIAQAPKLAPHIDAMRANIAADLDLPLDRVNVKAKTNEKL
GYLGRGEGIEAQAAALVVREAAA
;
_entity_poly.pdbx_strand_id   A,B,C
#
loop_
_chem_comp.id
_chem_comp.type
_chem_comp.name
_chem_comp.formula
CL non-polymer 'CHLORIDE ION' 'Cl -1'
I5A non-polymer 5'-deoxy-5'-iodocytidine 'C9 H12 I N3 O4'
K non-polymer 'POTASSIUM ION' 'K 1'
ZN non-polymer 'ZINC ION' 'Zn 2'
#
# COMPACT_ATOMS: atom_id res chain seq x y z
N MET A 22 -5.76 13.18 -19.71
CA MET A 22 -4.34 12.76 -19.51
C MET A 22 -3.85 13.01 -18.08
N ASP A 23 -4.64 13.73 -17.28
CA ASP A 23 -4.19 14.15 -15.97
C ASP A 23 -4.59 13.13 -14.89
N PHE A 24 -3.89 11.99 -14.88
CA PHE A 24 -4.20 10.87 -14.01
C PHE A 24 -3.55 11.10 -12.63
N ARG A 25 -4.17 10.57 -11.58
CA ARG A 25 -3.59 10.67 -10.25
C ARG A 25 -3.89 9.38 -9.55
N ILE A 26 -2.98 9.00 -8.65
CA ILE A 26 -3.25 7.81 -7.83
C ILE A 26 -3.41 8.12 -6.36
N GLY A 27 -4.22 7.31 -5.69
CA GLY A 27 -4.37 7.45 -4.24
C GLY A 27 -4.25 6.08 -3.58
N GLN A 28 -3.92 6.06 -2.30
CA GLN A 28 -3.85 4.82 -1.53
C GLN A 28 -4.48 5.02 -0.17
N GLY A 29 -4.97 3.94 0.42
CA GLY A 29 -5.74 4.05 1.66
C GLY A 29 -5.46 2.84 2.54
N TYR A 30 -5.60 3.06 3.85
CA TYR A 30 -5.32 2.05 4.87
C TYR A 30 -6.38 2.24 5.94
N ASP A 31 -6.90 1.15 6.48
CA ASP A 31 -7.72 1.27 7.68
C ASP A 31 -7.62 0.02 8.53
N VAL A 32 -7.84 0.12 9.84
CA VAL A 32 -7.95 -1.09 10.67
C VAL A 32 -8.93 -0.78 11.81
N HIS A 33 -9.75 -1.75 12.19
CA HIS A 33 -10.60 -1.62 13.36
C HIS A 33 -10.52 -2.91 14.19
N GLN A 34 -10.72 -2.76 15.49
CA GLN A 34 -10.79 -3.88 16.41
C GLN A 34 -12.08 -4.64 16.18
N LEU A 35 -12.01 -5.96 16.36
CA LEU A 35 -13.19 -6.81 16.36
C LEU A 35 -13.65 -7.04 17.80
N VAL A 36 -14.91 -6.73 18.07
CA VAL A 36 -15.45 -6.86 19.42
C VAL A 36 -16.80 -7.57 19.46
N PRO A 37 -17.16 -8.20 20.60
CA PRO A 37 -18.53 -8.73 20.65
C PRO A 37 -19.57 -7.61 20.67
N GLY A 38 -20.79 -7.90 20.18
CA GLY A 38 -21.93 -7.01 20.38
C GLY A 38 -22.13 -5.92 19.34
N ARG A 39 -21.27 -5.90 18.32
CA ARG A 39 -21.36 -4.97 17.18
C ARG A 39 -21.67 -5.74 15.89
N PRO A 40 -22.49 -5.15 14.99
CA PRO A 40 -22.69 -5.76 13.66
C PRO A 40 -21.37 -5.80 12.90
N LEU A 41 -21.13 -6.87 12.13
CA LEU A 41 -19.96 -6.90 11.24
C LEU A 41 -20.34 -6.42 9.85
N ILE A 42 -19.85 -5.24 9.49
CA ILE A 42 -20.22 -4.60 8.25
C ILE A 42 -18.93 -4.24 7.50
N ILE A 43 -18.76 -4.87 6.34
CA ILE A 43 -17.58 -4.65 5.50
C ILE A 43 -18.04 -4.49 4.05
N GLY A 44 -17.57 -3.45 3.38
CA GLY A 44 -18.01 -3.20 1.97
C GLY A 44 -19.52 -2.99 1.92
N GLY A 45 -20.08 -2.49 3.01
CA GLY A 45 -21.54 -2.26 3.14
C GLY A 45 -22.37 -3.52 3.34
N VAL A 46 -21.70 -4.69 3.39
CA VAL A 46 -22.39 -5.97 3.60
C VAL A 46 -22.42 -6.34 5.09
N THR A 47 -23.63 -6.60 5.62
CA THR A 47 -23.76 -7.13 6.97
C THR A 47 -23.48 -8.63 6.91
N ILE A 48 -22.42 -9.06 7.58
CA ILE A 48 -21.96 -10.44 7.51
C ILE A 48 -22.29 -11.11 8.82
N PRO A 49 -23.01 -12.26 8.74
CA PRO A 49 -23.35 -12.97 9.98
C PRO A 49 -22.07 -13.39 10.72
N TYR A 50 -21.97 -12.95 11.97
CA TYR A 50 -20.78 -13.11 12.79
C TYR A 50 -21.02 -12.63 14.20
N GLU A 51 -20.38 -13.30 15.15
CA GLU A 51 -20.58 -13.05 16.59
C GLU A 51 -19.87 -11.79 17.12
N ARG A 52 -19.00 -11.22 16.30
CA ARG A 52 -18.32 -9.98 16.62
C ARG A 52 -18.48 -8.98 15.46
N GLY A 53 -18.24 -7.70 15.73
CA GLY A 53 -18.23 -6.68 14.68
C GLY A 53 -17.11 -5.70 14.88
N LEU A 54 -16.98 -4.75 13.95
CA LEU A 54 -15.90 -3.79 14.01
C LEU A 54 -16.26 -2.61 14.92
N LEU A 55 -15.32 -2.18 15.74
CA LEU A 55 -15.55 -1.07 16.67
C LEU A 55 -15.07 0.26 16.08
N GLY A 56 -15.96 1.24 16.08
CA GLY A 56 -15.65 2.58 15.57
C GLY A 56 -16.81 3.52 15.87
N HIS A 57 -16.61 4.80 15.56
CA HIS A 57 -17.63 5.83 15.82
C HIS A 57 -18.77 5.75 14.79
N SER A 58 -18.42 5.54 13.51
CA SER A 58 -19.41 5.22 12.49
C SER A 58 -19.70 3.72 12.57
N ASP A 59 -20.21 3.14 11.48
CA ASP A 59 -20.40 1.70 11.42
C ASP A 59 -19.07 0.93 11.30
N ALA A 60 -17.95 1.66 11.29
CA ALA A 60 -16.61 1.03 11.34
C ALA A 60 -16.33 0.13 10.12
N ASP A 61 -16.88 0.50 8.97
CA ASP A 61 -16.65 -0.28 7.75
C ASP A 61 -15.24 -0.05 7.21
N VAL A 62 -14.34 -0.98 7.54
CA VAL A 62 -12.91 -0.78 7.32
C VAL A 62 -12.58 -0.68 5.82
N LEU A 63 -13.29 -1.47 5.02
CA LEU A 63 -13.03 -1.49 3.59
C LEU A 63 -13.50 -0.16 2.97
N LEU A 64 -14.70 0.28 3.30
CA LEU A 64 -15.16 1.57 2.72
C LEU A 64 -14.31 2.76 3.14
N HIS A 65 -13.87 2.77 4.40
CA HIS A 65 -13.00 3.82 4.86
C HIS A 65 -11.67 3.86 4.11
N ALA A 66 -11.06 2.70 3.91
CA ALA A 66 -9.79 2.64 3.15
C ALA A 66 -10.00 3.18 1.75
N ILE A 67 -11.11 2.76 1.12
CA ILE A 67 -11.36 3.24 -0.25
C ILE A 67 -11.60 4.78 -0.29
N THR A 68 -12.36 5.26 0.69
CA THR A 68 -12.65 6.67 0.81
C THR A 68 -11.35 7.47 0.94
N ASP A 69 -10.46 6.99 1.79
CA ASP A 69 -9.14 7.61 1.94
C ASP A 69 -8.33 7.61 0.66
N ALA A 70 -8.30 6.48 -0.03
CA ALA A 70 -7.63 6.42 -1.36
C ALA A 70 -8.18 7.46 -2.36
N LEU A 71 -9.51 7.64 -2.37
CA LEU A 71 -10.11 8.60 -3.30
C LEU A 71 -9.80 10.04 -2.91
N PHE A 72 -9.97 10.37 -1.64
CA PHE A 72 -9.55 11.73 -1.19
C PHE A 72 -8.03 11.93 -1.48
N GLY A 73 -7.24 10.87 -1.29
CA GLY A 73 -5.79 10.99 -1.48
C GLY A 73 -5.43 11.27 -2.94
N ALA A 74 -6.06 10.52 -3.85
CA ALA A 74 -5.87 10.72 -5.30
C ALA A 74 -6.22 12.16 -5.79
N ALA A 75 -7.26 12.74 -5.20
CA ALA A 75 -7.73 14.11 -5.53
C ALA A 75 -6.96 15.19 -4.71
N ALA A 76 -6.07 14.74 -3.81
CA ALA A 76 -5.36 15.67 -2.87
C ALA A 76 -6.30 16.51 -2.01
N LEU A 77 -7.31 15.85 -1.45
CA LEU A 77 -8.32 16.53 -0.65
C LEU A 77 -8.18 16.15 0.84
N GLY A 78 -7.01 15.63 1.20
CA GLY A 78 -6.69 15.30 2.60
C GLY A 78 -7.14 13.89 2.91
N ASP A 79 -7.95 13.75 3.94
CA ASP A 79 -8.33 12.43 4.40
C ASP A 79 -9.74 12.41 5.01
N ILE A 80 -10.16 11.20 5.36
CA ILE A 80 -11.52 10.95 5.78
C ILE A 80 -11.84 11.74 7.06
N GLY A 81 -10.85 11.90 7.95
CA GLY A 81 -11.01 12.67 9.19
C GLY A 81 -11.22 14.16 8.95
N ARG A 82 -10.56 14.70 7.93
CA ARG A 82 -10.78 16.10 7.53
C ARG A 82 -12.24 16.33 7.10
N HIS A 83 -12.78 15.39 6.35
CA HIS A 83 -14.08 15.56 5.71
C HIS A 83 -15.24 15.15 6.57
N PHE A 84 -15.03 14.14 7.40
CA PHE A 84 -16.09 13.54 8.22
C PHE A 84 -15.53 13.32 9.62
N SER A 85 -15.48 14.38 10.41
CA SER A 85 -14.75 14.34 11.70
C SER A 85 -15.29 13.30 12.70
N ASP A 86 -14.42 12.35 13.05
CA ASP A 86 -14.75 11.30 14.04
C ASP A 86 -14.69 11.84 15.45
N PHE A 91 -21.98 11.76 12.89
CA PHE A 91 -21.35 10.59 12.27
C PHE A 91 -21.33 9.37 13.22
N LYS A 92 -22.07 9.47 14.32
CA LYS A 92 -22.20 8.35 15.26
C LYS A 92 -23.04 7.26 14.61
N GLY A 93 -22.42 6.10 14.40
CA GLY A 93 -23.06 4.97 13.74
C GLY A 93 -23.36 5.24 12.27
N ALA A 94 -22.74 6.30 11.73
CA ALA A 94 -22.92 6.71 10.33
C ALA A 94 -22.77 5.57 9.34
N ASP A 95 -23.62 5.59 8.34
CA ASP A 95 -23.57 4.64 7.24
C ASP A 95 -22.35 5.00 6.40
N SER A 96 -21.34 4.13 6.36
CA SER A 96 -20.13 4.44 5.61
C SER A 96 -20.35 4.44 4.09
N ARG A 97 -21.42 3.84 3.61
CA ARG A 97 -21.78 4.00 2.17
C ARG A 97 -22.21 5.43 1.85
N ALA A 98 -22.97 6.03 2.75
CA ALA A 98 -23.35 7.44 2.58
C ALA A 98 -22.07 8.31 2.57
N LEU A 99 -21.12 8.02 3.47
CA LEU A 99 -19.82 8.70 3.46
C LEU A 99 -19.06 8.52 2.15
N LEU A 100 -19.02 7.28 1.67
CA LEU A 100 -18.34 7.02 0.39
C LEU A 100 -18.97 7.79 -0.76
N ARG A 101 -20.30 7.83 -0.81
CA ARG A 101 -20.98 8.59 -1.85
C ARG A 101 -20.67 10.09 -1.76
N GLU A 102 -20.64 10.62 -0.55
CA GLU A 102 -20.28 12.04 -0.35
C GLU A 102 -18.83 12.32 -0.78
N CYS A 103 -17.93 11.40 -0.45
CA CYS A 103 -16.53 11.47 -0.89
C CYS A 103 -16.48 11.50 -2.41
N ALA A 104 -17.20 10.58 -3.06
CA ALA A 104 -17.22 10.56 -4.53
C ALA A 104 -17.73 11.88 -5.11
N SER A 105 -18.79 12.43 -4.50
CA SER A 105 -19.34 13.72 -4.88
C SER A 105 -18.29 14.83 -4.77
N ARG A 106 -17.55 14.88 -3.66
CA ARG A 106 -16.51 15.90 -3.50
C ARG A 106 -15.37 15.70 -4.48
N VAL A 107 -15.00 14.45 -4.70
CA VAL A 107 -13.97 14.15 -5.71
C VAL A 107 -14.40 14.64 -7.09
N ALA A 108 -15.66 14.37 -7.46
CA ALA A 108 -16.19 14.87 -8.75
C ALA A 108 -16.23 16.39 -8.79
N GLN A 109 -16.61 17.00 -7.67
CA GLN A 109 -16.68 18.46 -7.61
C GLN A 109 -15.30 19.11 -7.75
N ALA A 110 -14.27 18.44 -7.26
CA ALA A 110 -12.87 18.85 -7.46
C ALA A 110 -12.43 18.66 -8.90
N GLY A 111 -13.24 17.99 -9.71
CA GLY A 111 -12.95 17.87 -11.15
C GLY A 111 -12.42 16.52 -11.64
N PHE A 112 -12.46 15.51 -10.76
CA PHE A 112 -11.91 14.18 -11.07
C PHE A 112 -13.00 13.15 -11.40
N ALA A 113 -12.73 12.32 -12.41
CA ALA A 113 -13.52 11.14 -12.65
C ALA A 113 -12.76 9.93 -12.10
N ILE A 114 -13.46 9.00 -11.46
CA ILE A 114 -12.80 7.77 -10.98
C ILE A 114 -12.66 6.75 -12.11
N ARG A 115 -11.47 6.18 -12.26
CA ARG A 115 -11.22 5.18 -13.31
C ARG A 115 -11.27 3.75 -12.74
N ASN A 116 -10.66 3.53 -11.58
CA ASN A 116 -10.81 2.21 -10.93
C ASN A 116 -10.41 2.20 -9.48
N VAL A 117 -10.88 1.16 -8.81
CA VAL A 117 -10.54 0.95 -7.38
C VAL A 117 -10.13 -0.52 -7.24
N ASP A 118 -9.09 -0.75 -6.46
CA ASP A 118 -8.69 -2.09 -6.06
C ASP A 118 -8.52 -2.06 -4.54
N SER A 119 -8.66 -3.21 -3.88
CA SER A 119 -8.65 -3.22 -2.42
C SER A 119 -8.34 -4.62 -1.91
N THR A 120 -7.89 -4.73 -0.67
CA THR A 120 -7.64 -6.02 -0.04
C THR A 120 -8.20 -5.90 1.37
N ILE A 121 -8.92 -6.94 1.81
CA ILE A 121 -9.32 -7.04 3.22
C ILE A 121 -8.45 -8.13 3.83
N ILE A 122 -7.92 -7.90 5.04
CA ILE A 122 -7.14 -8.94 5.70
CA ILE A 122 -7.14 -8.94 5.71
C ILE A 122 -7.85 -9.32 7.00
N ALA A 123 -8.28 -10.58 7.10
CA ALA A 123 -9.04 -11.08 8.25
C ALA A 123 -8.84 -12.58 8.40
N GLN A 124 -8.65 -13.01 9.65
CA GLN A 124 -8.52 -14.43 9.99
C GLN A 124 -9.86 -15.11 9.76
N ALA A 125 -10.95 -14.39 10.07
CA ALA A 125 -12.32 -14.91 10.03
C ALA A 125 -13.26 -13.72 10.08
N PRO A 126 -14.52 -13.90 9.61
CA PRO A 126 -15.09 -15.12 9.04
C PRO A 126 -14.62 -15.26 7.58
N LYS A 127 -15.12 -16.30 6.90
CA LYS A 127 -14.91 -16.48 5.46
C LYS A 127 -15.61 -15.35 4.70
N LEU A 128 -14.83 -14.59 3.92
CA LEU A 128 -15.37 -13.40 3.22
C LEU A 128 -15.74 -13.67 1.76
N ALA A 129 -15.18 -14.74 1.19
CA ALA A 129 -15.38 -15.04 -0.25
C ALA A 129 -16.87 -15.02 -0.71
N PRO A 130 -17.80 -15.59 0.10
CA PRO A 130 -19.24 -15.58 -0.25
C PRO A 130 -19.85 -14.19 -0.30
N HIS A 131 -19.16 -13.19 0.27
CA HIS A 131 -19.65 -11.81 0.35
C HIS A 131 -18.94 -10.80 -0.55
N ILE A 132 -17.85 -11.21 -1.17
CA ILE A 132 -17.00 -10.30 -1.95
C ILE A 132 -17.71 -9.67 -3.11
N ASP A 133 -18.46 -10.47 -3.88
CA ASP A 133 -19.16 -9.92 -5.04
C ASP A 133 -20.20 -8.87 -4.62
N ALA A 134 -20.90 -9.12 -3.52
CA ALA A 134 -21.83 -8.10 -2.96
C ALA A 134 -21.10 -6.79 -2.57
N MET A 135 -19.93 -6.91 -1.96
CA MET A 135 -19.15 -5.72 -1.59
C MET A 135 -18.75 -4.93 -2.81
N ARG A 136 -18.28 -5.65 -3.82
CA ARG A 136 -17.90 -5.03 -5.08
CA ARG A 136 -17.91 -5.02 -5.10
C ARG A 136 -19.09 -4.27 -5.70
N ALA A 137 -20.27 -4.92 -5.68
CA ALA A 137 -21.49 -4.31 -6.20
C ALA A 137 -21.85 -3.02 -5.43
N ASN A 138 -21.72 -3.03 -4.10
CA ASN A 138 -22.00 -1.81 -3.30
C ASN A 138 -21.06 -0.65 -3.65
N ILE A 139 -19.79 -0.99 -3.74
CA ILE A 139 -18.79 0.02 -4.04
C ILE A 139 -19.05 0.60 -5.43
N ALA A 140 -19.30 -0.26 -6.41
CA ALA A 140 -19.59 0.18 -7.77
C ALA A 140 -20.80 1.11 -7.81
N ALA A 141 -21.84 0.72 -7.08
CA ALA A 141 -23.04 1.55 -6.96
C ALA A 141 -22.72 2.93 -6.38
N ASP A 142 -21.97 2.94 -5.27
CA ASP A 142 -21.69 4.20 -4.60
C ASP A 142 -20.79 5.13 -5.40
N LEU A 143 -19.91 4.56 -6.21
CA LEU A 143 -18.99 5.36 -7.03
C LEU A 143 -19.51 5.59 -8.46
N ASP A 144 -20.69 5.07 -8.75
CA ASP A 144 -21.26 5.07 -10.10
C ASP A 144 -20.25 4.54 -11.11
N LEU A 145 -19.71 3.36 -10.81
CA LEU A 145 -18.79 2.70 -11.74
C LEU A 145 -19.43 1.40 -12.19
N PRO A 146 -19.07 0.92 -13.39
CA PRO A 146 -19.44 -0.46 -13.69
C PRO A 146 -18.67 -1.45 -12.80
N LEU A 147 -19.20 -2.66 -12.61
CA LEU A 147 -18.52 -3.67 -11.77
C LEU A 147 -17.08 -3.95 -12.18
N ASP A 148 -16.81 -3.91 -13.50
CA ASP A 148 -15.49 -4.25 -14.01
C ASP A 148 -14.40 -3.21 -13.71
N ARG A 149 -14.75 -2.14 -13.00
CA ARG A 149 -13.72 -1.19 -12.56
C ARG A 149 -13.53 -1.22 -11.05
N VAL A 150 -14.09 -2.22 -10.40
CA VAL A 150 -14.01 -2.30 -8.94
C VAL A 150 -13.55 -3.69 -8.57
N ASN A 151 -12.57 -3.77 -7.67
CA ASN A 151 -12.06 -5.07 -7.24
C ASN A 151 -11.85 -5.14 -5.74
N VAL A 152 -12.22 -6.27 -5.14
CA VAL A 152 -12.04 -6.52 -3.70
C VAL A 152 -11.42 -7.89 -3.55
N LYS A 153 -10.32 -7.94 -2.79
CA LYS A 153 -9.55 -9.16 -2.61
C LYS A 153 -9.55 -9.46 -1.10
N ALA A 154 -9.55 -10.74 -0.73
CA ALA A 154 -9.54 -11.08 0.68
C ALA A 154 -8.34 -11.97 0.99
N LYS A 155 -7.71 -11.76 2.13
CA LYS A 155 -6.46 -12.43 2.49
C LYS A 155 -6.57 -12.76 3.96
N THR A 156 -6.02 -13.91 4.37
CA THR A 156 -5.74 -14.08 5.81
C THR A 156 -4.37 -13.44 6.03
N ASN A 157 -3.98 -13.32 7.27
CA ASN A 157 -2.62 -12.89 7.58
C ASN A 157 -1.70 -14.04 7.96
N GLU A 158 -2.02 -15.24 7.46
CA GLU A 158 -1.25 -16.45 7.70
C GLU A 158 -0.89 -16.64 9.16
N LYS A 159 -1.85 -16.36 10.03
CA LYS A 159 -1.74 -16.62 11.46
C LYS A 159 -0.75 -15.69 12.22
N LEU A 160 -0.31 -14.62 11.57
CA LEU A 160 0.67 -13.74 12.18
C LEU A 160 0.04 -12.50 12.81
N GLY A 161 0.52 -12.17 14.01
CA GLY A 161 0.22 -10.85 14.63
C GLY A 161 -1.23 -10.71 15.06
N TYR A 162 -1.63 -9.47 15.37
CA TYR A 162 -2.96 -9.23 15.91
C TYR A 162 -4.04 -9.60 14.87
N LEU A 163 -3.70 -9.50 13.59
CA LEU A 163 -4.65 -9.89 12.54
C LEU A 163 -4.78 -11.41 12.58
N GLY A 164 -3.65 -12.09 12.71
CA GLY A 164 -3.62 -13.54 12.81
C GLY A 164 -4.37 -14.05 14.03
N ARG A 165 -4.37 -13.25 15.10
CA ARG A 165 -5.09 -13.63 16.32
C ARG A 165 -6.56 -13.23 16.30
N GLY A 166 -6.97 -12.66 15.17
CA GLY A 166 -8.35 -12.19 14.97
C GLY A 166 -8.79 -11.03 15.85
N GLU A 167 -7.86 -10.16 16.22
CA GLU A 167 -8.16 -9.01 17.11
C GLU A 167 -8.71 -7.81 16.34
N GLY A 168 -8.53 -7.83 15.03
CA GLY A 168 -8.96 -6.73 14.19
C GLY A 168 -8.99 -7.19 12.75
N ILE A 169 -9.50 -6.31 11.90
CA ILE A 169 -9.52 -6.50 10.46
C ILE A 169 -8.93 -5.26 9.81
N GLU A 170 -8.10 -5.50 8.80
CA GLU A 170 -7.46 -4.41 8.05
C GLU A 170 -8.00 -4.34 6.63
N ALA A 171 -7.99 -3.16 6.02
CA ALA A 171 -8.22 -3.03 4.57
C ALA A 171 -7.18 -2.09 3.97
N GLN A 172 -6.84 -2.35 2.71
CA GLN A 172 -5.94 -1.54 1.91
C GLN A 172 -6.71 -1.18 0.64
N ALA A 173 -6.44 -0.01 0.06
CA ALA A 173 -7.09 0.35 -1.20
C ALA A 173 -6.17 1.18 -2.08
N ALA A 174 -6.43 1.12 -3.38
CA ALA A 174 -5.74 1.94 -4.32
C ALA A 174 -6.81 2.46 -5.27
N ALA A 175 -6.65 3.71 -5.71
CA ALA A 175 -7.62 4.29 -6.64
C ALA A 175 -6.88 5.06 -7.70
N LEU A 176 -7.38 4.99 -8.92
CA LEU A 176 -6.93 5.84 -10.01
C LEU A 176 -8.06 6.77 -10.46
N VAL A 177 -7.75 8.06 -10.59
CA VAL A 177 -8.71 9.07 -11.04
C VAL A 177 -8.04 9.85 -12.18
N VAL A 178 -8.83 10.67 -12.87
CA VAL A 178 -8.31 11.54 -13.90
C VAL A 178 -9.04 12.88 -13.78
N ARG A 179 -8.31 13.98 -13.86
CA ARG A 179 -8.93 15.31 -13.79
C ARG A 179 -9.46 15.72 -15.13
N MET B 22 0.10 8.67 -22.14
CA MET B 22 1.41 8.18 -22.59
C MET B 22 1.98 7.07 -21.66
N ASP B 23 3.23 7.26 -21.21
CA ASP B 23 4.02 6.19 -20.58
C ASP B 23 4.03 6.35 -19.06
N PHE B 24 2.87 6.12 -18.44
CA PHE B 24 2.72 6.21 -16.99
C PHE B 24 3.29 5.00 -16.29
N ARG B 25 3.76 5.22 -15.06
CA ARG B 25 4.28 4.18 -14.19
C ARG B 25 3.88 4.49 -12.77
N ILE B 26 3.62 3.44 -11.98
CA ILE B 26 3.32 3.65 -10.57
C ILE B 26 4.41 3.10 -9.65
N GLY B 27 4.52 3.70 -8.47
CA GLY B 27 5.43 3.24 -7.44
C GLY B 27 4.76 3.23 -6.08
N GLN B 28 5.29 2.42 -5.19
CA GLN B 28 4.75 2.31 -3.84
C GLN B 28 5.91 2.22 -2.87
N GLY B 29 5.68 2.71 -1.65
CA GLY B 29 6.73 2.81 -0.65
C GLY B 29 6.19 2.52 0.74
N TYR B 30 7.08 1.98 1.56
CA TYR B 30 6.79 1.61 2.93
C TYR B 30 7.97 2.02 3.78
N ASP B 31 7.69 2.46 5.00
CA ASP B 31 8.78 2.61 5.96
C ASP B 31 8.22 2.53 7.36
N VAL B 32 9.07 2.21 8.33
CA VAL B 32 8.70 2.16 9.76
C VAL B 32 9.95 2.47 10.60
N HIS B 33 9.77 3.20 11.69
CA HIS B 33 10.85 3.42 12.66
C HIS B 33 10.30 3.27 14.07
N GLN B 34 11.16 2.89 15.02
CA GLN B 34 10.78 2.80 16.42
C GLN B 34 10.63 4.22 17.00
N LEU B 35 9.77 4.35 18.00
CA LEU B 35 9.49 5.63 18.62
C LEU B 35 10.04 5.56 20.04
N VAL B 36 11.07 6.36 20.35
CA VAL B 36 11.72 6.34 21.69
C VAL B 36 11.90 7.72 22.30
N PRO B 37 11.99 7.80 23.65
CA PRO B 37 12.47 9.04 24.25
C PRO B 37 13.87 9.41 23.78
N GLY B 38 14.16 10.71 23.73
CA GLY B 38 15.52 11.18 23.50
C GLY B 38 15.89 11.58 22.09
N ARG B 39 14.95 11.39 21.16
CA ARG B 39 15.09 11.83 19.77
C ARG B 39 13.95 12.78 19.41
N PRO B 40 14.21 13.76 18.53
CA PRO B 40 13.09 14.62 18.15
C PRO B 40 12.20 13.88 17.15
N LEU B 41 10.96 14.31 17.05
CA LEU B 41 10.02 13.69 16.12
C LEU B 41 9.96 14.58 14.88
N ILE B 42 10.45 14.02 13.76
CA ILE B 42 10.48 14.72 12.49
C ILE B 42 9.79 13.83 11.46
N ILE B 43 8.68 14.35 10.92
CA ILE B 43 7.91 13.63 9.91
C ILE B 43 7.56 14.60 8.78
N GLY B 44 7.86 14.23 7.53
CA GLY B 44 7.59 15.11 6.37
C GLY B 44 8.37 16.43 6.46
N GLY B 45 9.56 16.33 7.05
CA GLY B 45 10.41 17.51 7.29
C GLY B 45 10.00 18.43 8.44
N VAL B 46 8.90 18.11 9.12
CA VAL B 46 8.39 18.94 10.20
C VAL B 46 8.78 18.39 11.55
N THR B 47 9.37 19.25 12.40
CA THR B 47 9.66 18.88 13.77
C THR B 47 8.42 19.09 14.61
N ILE B 48 7.95 18.01 15.24
CA ILE B 48 6.69 18.03 15.97
C ILE B 48 6.98 17.79 17.44
N PRO B 49 6.60 18.74 18.31
CA PRO B 49 6.93 18.58 19.73
C PRO B 49 6.27 17.33 20.29
N TYR B 50 7.06 16.51 20.97
CA TYR B 50 6.59 15.24 21.50
C TYR B 50 7.65 14.73 22.46
N GLU B 51 7.23 13.93 23.44
CA GLU B 51 8.15 13.42 24.44
C GLU B 51 9.11 12.38 23.83
N ARG B 52 8.86 12.00 22.58
CA ARG B 52 9.60 10.93 21.92
C ARG B 52 9.82 11.20 20.43
N GLY B 53 10.76 10.47 19.83
CA GLY B 53 11.10 10.67 18.42
C GLY B 53 11.51 9.39 17.72
N LEU B 54 11.71 9.47 16.41
CA LEU B 54 11.98 8.29 15.61
C LEU B 54 13.48 7.94 15.59
N LEU B 55 13.77 6.65 15.67
CA LEU B 55 15.14 6.12 15.68
C LEU B 55 15.51 5.58 14.30
N GLY B 56 16.63 6.05 13.74
CA GLY B 56 17.04 5.64 12.39
C GLY B 56 18.43 6.09 11.96
N ASP B 59 17.71 11.49 10.05
CA ASP B 59 16.71 12.09 10.92
C ASP B 59 15.53 11.12 11.15
N ALA B 60 15.59 9.97 10.49
CA ALA B 60 14.54 8.94 10.57
C ALA B 60 13.15 9.40 10.09
N ASP B 61 13.12 10.24 9.06
CA ASP B 61 11.84 10.78 8.55
C ASP B 61 11.08 9.72 7.78
N VAL B 62 10.23 8.99 8.50
CA VAL B 62 9.51 7.85 7.95
C VAL B 62 8.67 8.21 6.71
N LEU B 63 8.02 9.37 6.74
CA LEU B 63 7.21 9.80 5.58
C LEU B 63 8.06 10.09 4.35
N LEU B 64 9.15 10.86 4.52
CA LEU B 64 10.00 11.20 3.35
C LEU B 64 10.67 9.95 2.74
N HIS B 65 11.10 9.03 3.60
CA HIS B 65 11.65 7.74 3.14
C HIS B 65 10.69 6.91 2.30
N ALA B 66 9.45 6.73 2.79
CA ALA B 66 8.44 6.00 2.01
C ALA B 66 8.15 6.66 0.65
N ILE B 67 8.02 7.99 0.65
CA ILE B 67 7.83 8.71 -0.62
C ILE B 67 9.02 8.55 -1.62
N THR B 68 10.25 8.66 -1.11
CA THR B 68 11.48 8.44 -1.92
C THR B 68 11.46 7.03 -2.54
N ASP B 69 11.09 6.05 -1.73
CA ASP B 69 11.01 4.66 -2.21
C ASP B 69 9.98 4.50 -3.32
N ALA B 70 8.83 5.13 -3.12
CA ALA B 70 7.75 5.09 -4.10
C ALA B 70 8.21 5.71 -5.43
N LEU B 71 8.97 6.79 -5.36
CA LEU B 71 9.49 7.46 -6.57
C LEU B 71 10.54 6.62 -7.32
N PHE B 72 11.50 6.06 -6.60
CA PHE B 72 12.50 5.19 -7.23
C PHE B 72 11.79 3.99 -7.85
N GLY B 73 10.79 3.48 -7.13
CA GLY B 73 10.00 2.35 -7.59
C GLY B 73 9.27 2.59 -8.91
N ALA B 74 8.59 3.73 -9.01
CA ALA B 74 7.90 4.14 -10.24
C ALA B 74 8.88 4.23 -11.42
N ALA B 75 10.08 4.72 -11.16
CA ALA B 75 11.11 4.85 -12.19
C ALA B 75 11.89 3.53 -12.43
N ALA B 76 11.53 2.46 -11.69
CA ALA B 76 12.31 1.21 -11.63
C ALA B 76 13.83 1.45 -11.44
N LEU B 77 14.17 2.24 -10.41
CA LEU B 77 15.55 2.56 -10.09
C LEU B 77 16.05 1.89 -8.81
N GLY B 78 15.40 0.80 -8.42
CA GLY B 78 15.80 0.05 -7.23
C GLY B 78 15.15 0.68 -6.02
N ASP B 79 15.95 1.00 -5.01
CA ASP B 79 15.38 1.59 -3.77
C ASP B 79 16.32 2.58 -3.09
N ILE B 80 15.80 3.20 -2.02
CA ILE B 80 16.50 4.27 -1.33
C ILE B 80 17.88 3.83 -0.81
N GLY B 81 17.95 2.63 -0.24
CA GLY B 81 19.21 2.06 0.25
C GLY B 81 20.26 1.84 -0.85
N ARG B 82 19.80 1.55 -2.06
CA ARG B 82 20.71 1.34 -3.19
C ARG B 82 21.30 2.64 -3.70
N HIS B 83 20.53 3.72 -3.58
CA HIS B 83 20.99 5.05 -3.96
C HIS B 83 21.79 5.78 -2.87
N PHE B 84 21.29 5.72 -1.64
CA PHE B 84 21.85 6.49 -0.53
C PHE B 84 22.23 5.57 0.62
N SER B 85 23.39 4.95 0.48
CA SER B 85 23.84 3.90 1.37
C SER B 85 24.21 4.43 2.77
N ASP B 86 23.85 3.66 3.79
CA ASP B 86 24.25 3.94 5.18
C ASP B 86 25.74 4.28 5.31
N THR B 87 26.58 3.62 4.50
CA THR B 87 28.03 3.80 4.53
C THR B 87 28.55 4.95 3.65
N ASP B 88 27.90 5.20 2.51
CA ASP B 88 28.35 6.20 1.50
C ASP B 88 28.75 7.56 2.12
N PRO B 89 30.03 7.98 1.94
CA PRO B 89 30.49 9.30 2.40
C PRO B 89 29.71 10.48 1.81
N ARG B 90 29.17 10.31 0.61
CA ARG B 90 28.34 11.33 -0.03
C ARG B 90 26.88 11.17 0.38
N ALA B 94 23.46 14.44 5.54
CA ALA B 94 22.30 14.63 4.65
C ALA B 94 20.97 14.26 5.30
N ASP B 95 20.07 15.23 5.39
CA ASP B 95 18.75 14.94 5.92
C ASP B 95 17.84 14.40 4.82
N SER B 96 16.67 13.91 5.20
CA SER B 96 15.81 13.22 4.27
C SER B 96 15.24 14.08 3.14
N ARG B 97 15.23 15.40 3.34
CA ARG B 97 14.79 16.33 2.28
C ARG B 97 15.83 16.46 1.18
N ALA B 98 17.11 16.51 1.55
CA ALA B 98 18.21 16.47 0.59
C ALA B 98 18.11 15.18 -0.23
N LEU B 99 17.84 14.07 0.44
CA LEU B 99 17.66 12.76 -0.22
C LEU B 99 16.47 12.74 -1.17
N LEU B 100 15.34 13.29 -0.73
CA LEU B 100 14.17 13.44 -1.59
C LEU B 100 14.48 14.26 -2.86
N ARG B 101 15.18 15.37 -2.70
CA ARG B 101 15.54 16.21 -3.84
C ARG B 101 16.47 15.48 -4.82
N GLU B 102 17.42 14.71 -4.28
CA GLU B 102 18.32 13.94 -5.14
C GLU B 102 17.59 12.82 -5.86
N CYS B 103 16.66 12.19 -5.14
CA CYS B 103 15.77 11.20 -5.75
C CYS B 103 15.04 11.78 -6.98
N ALA B 104 14.46 12.96 -6.81
CA ALA B 104 13.66 13.60 -7.87
C ALA B 104 14.51 13.94 -9.10
N SER B 105 15.74 14.39 -8.87
CA SER B 105 16.67 14.67 -9.96
C SER B 105 17.02 13.39 -10.73
N ARG B 106 17.20 12.28 -10.01
CA ARG B 106 17.47 10.98 -10.64
C ARG B 106 16.27 10.47 -11.39
N VAL B 107 15.09 10.72 -10.84
CA VAL B 107 13.84 10.36 -11.50
C VAL B 107 13.74 11.18 -12.79
N ALA B 108 13.97 12.49 -12.69
CA ALA B 108 13.98 13.36 -13.87
C ALA B 108 14.98 12.87 -14.93
N GLN B 109 16.19 12.52 -14.51
CA GLN B 109 17.27 12.17 -15.44
C GLN B 109 16.96 10.84 -16.15
N ALA B 110 16.19 9.99 -15.47
CA ALA B 110 15.72 8.74 -16.03
C ALA B 110 14.64 8.93 -17.10
N GLY B 111 14.13 10.15 -17.19
CA GLY B 111 13.14 10.53 -18.20
C GLY B 111 11.71 10.75 -17.70
N PHE B 112 11.50 10.68 -16.38
CA PHE B 112 10.15 10.71 -15.80
C PHE B 112 9.79 12.04 -15.14
N ALA B 113 8.57 12.50 -15.38
CA ALA B 113 8.04 13.67 -14.72
C ALA B 113 7.08 13.16 -13.65
N ILE B 114 7.13 13.74 -12.47
CA ILE B 114 6.21 13.29 -11.39
C ILE B 114 4.82 13.90 -11.58
N ARG B 115 3.79 13.06 -11.44
CA ARG B 115 2.43 13.51 -11.63
C ARG B 115 1.71 13.72 -10.29
N ASN B 116 1.85 12.78 -9.34
CA ASN B 116 1.34 13.02 -7.99
C ASN B 116 1.90 12.04 -6.95
N VAL B 117 1.77 12.44 -5.68
CA VAL B 117 2.13 11.59 -4.55
C VAL B 117 0.97 11.59 -3.54
N ASP B 118 0.67 10.42 -3.00
CA ASP B 118 -0.27 10.30 -1.88
C ASP B 118 0.40 9.44 -0.83
N SER B 119 0.02 9.61 0.44
CA SER B 119 0.72 8.94 1.50
C SER B 119 -0.17 8.82 2.70
N THR B 120 0.21 7.93 3.62
CA THR B 120 -0.44 7.79 4.91
C THR B 120 0.62 7.59 6.00
N ILE B 121 0.47 8.36 7.08
CA ILE B 121 1.25 8.12 8.30
C ILE B 121 0.35 7.40 9.28
N ILE B 122 0.84 6.28 9.83
CA ILE B 122 0.11 5.60 10.89
C ILE B 122 0.82 5.81 12.24
N ALA B 123 0.18 6.56 13.12
CA ALA B 123 0.77 6.90 14.41
C ALA B 123 -0.36 7.05 15.41
N GLN B 124 -0.21 6.39 16.55
CA GLN B 124 -1.25 6.41 17.56
C GLN B 124 -1.25 7.81 18.20
N ALA B 125 -0.08 8.42 18.27
CA ALA B 125 0.09 9.77 18.81
C ALA B 125 1.44 10.31 18.34
N PRO B 126 1.61 11.65 18.33
CA PRO B 126 0.67 12.73 18.69
C PRO B 126 -0.28 13.06 17.54
N LYS B 127 -1.13 14.07 17.75
CA LYS B 127 -2.04 14.54 16.69
C LYS B 127 -1.22 15.15 15.55
N LEU B 128 -1.39 14.62 14.35
CA LEU B 128 -0.64 15.08 13.18
C LEU B 128 -1.37 16.08 12.28
N ALA B 129 -2.69 16.14 12.39
CA ALA B 129 -3.52 17.01 11.52
C ALA B 129 -3.00 18.45 11.40
N PRO B 130 -2.56 19.06 12.53
CA PRO B 130 -2.12 20.46 12.45
C PRO B 130 -0.88 20.66 11.59
N HIS B 131 -0.13 19.57 11.40
CA HIS B 131 1.17 19.62 10.72
C HIS B 131 1.12 19.18 9.24
N ILE B 132 -0.05 18.76 8.79
CA ILE B 132 -0.21 18.17 7.45
C ILE B 132 0.12 19.14 6.31
N ASP B 133 -0.43 20.34 6.36
CA ASP B 133 -0.14 21.32 5.33
C ASP B 133 1.35 21.66 5.28
N ALA B 134 2.01 21.68 6.44
CA ALA B 134 3.46 21.93 6.46
C ALA B 134 4.24 20.80 5.76
N MET B 135 3.88 19.55 6.04
CA MET B 135 4.51 18.41 5.39
C MET B 135 4.30 18.43 3.88
N ARG B 136 3.06 18.70 3.46
CA ARG B 136 2.71 18.78 2.04
C ARG B 136 3.52 19.83 1.34
N ALA B 137 3.66 20.98 2.00
CA ALA B 137 4.42 22.10 1.45
C ALA B 137 5.91 21.75 1.30
N ASN B 138 6.48 21.06 2.30
CA ASN B 138 7.89 20.63 2.20
C ASN B 138 8.10 19.65 1.06
N ILE B 139 7.19 18.68 0.97
CA ILE B 139 7.27 17.65 -0.07
C ILE B 139 7.11 18.27 -1.45
N ALA B 140 6.10 19.12 -1.61
CA ALA B 140 5.86 19.76 -2.92
C ALA B 140 7.06 20.59 -3.39
N ALA B 141 7.61 21.37 -2.48
CA ALA B 141 8.84 22.14 -2.71
C ALA B 141 9.98 21.22 -3.17
N ASP B 142 10.22 20.14 -2.42
CA ASP B 142 11.33 19.21 -2.72
C ASP B 142 11.15 18.47 -4.05
N LEU B 143 9.91 18.24 -4.45
CA LEU B 143 9.64 17.57 -5.74
C LEU B 143 9.35 18.53 -6.89
N ASP B 144 9.39 19.83 -6.64
CA ASP B 144 9.00 20.85 -7.63
C ASP B 144 7.59 20.57 -8.19
N LEU B 145 6.66 20.26 -7.29
CA LEU B 145 5.27 19.99 -7.68
C LEU B 145 4.33 21.06 -7.17
N PRO B 146 3.24 21.35 -7.92
CA PRO B 146 2.14 22.14 -7.37
C PRO B 146 1.60 21.42 -6.13
N LEU B 147 1.21 22.20 -5.13
CA LEU B 147 0.67 21.69 -3.88
C LEU B 147 -0.46 20.68 -4.09
N ASP B 148 -1.32 20.94 -5.08
CA ASP B 148 -2.48 20.05 -5.33
C ASP B 148 -2.14 18.69 -5.95
N ARG B 149 -0.85 18.36 -6.06
CA ARG B 149 -0.40 17.04 -6.53
C ARG B 149 0.28 16.25 -5.40
N VAL B 150 0.24 16.81 -4.19
CA VAL B 150 0.84 16.16 -3.01
C VAL B 150 -0.21 16.01 -1.91
N ASN B 151 -0.35 14.80 -1.39
CA ASN B 151 -1.30 14.56 -0.30
C ASN B 151 -0.67 13.72 0.78
N VAL B 152 -1.00 14.07 2.04
CA VAL B 152 -0.57 13.30 3.20
C VAL B 152 -1.78 13.06 4.08
N LYS B 153 -1.96 11.81 4.52
CA LYS B 153 -3.13 11.42 5.35
C LYS B 153 -2.60 10.83 6.64
N ALA B 154 -3.39 10.84 7.70
CA ALA B 154 -2.93 10.30 9.01
C ALA B 154 -3.94 9.34 9.59
N LYS B 155 -3.47 8.25 10.16
CA LYS B 155 -4.36 7.24 10.78
C LYS B 155 -3.79 6.80 12.14
N THR B 156 -4.64 6.43 13.09
CA THR B 156 -4.16 5.65 14.22
C THR B 156 -4.21 4.17 13.83
N ASN B 157 -3.68 3.32 14.70
CA ASN B 157 -3.84 1.90 14.51
C ASN B 157 -4.86 1.26 15.45
N GLU B 158 -5.79 2.10 15.93
CA GLU B 158 -6.86 1.67 16.83
C GLU B 158 -6.36 0.83 18.00
N LYS B 159 -5.21 1.24 18.54
CA LYS B 159 -4.60 0.58 19.70
C LYS B 159 -4.14 -0.87 19.44
N LEU B 160 -4.02 -1.26 18.17
CA LEU B 160 -3.53 -2.62 17.82
C LEU B 160 -2.05 -2.66 17.49
N GLY B 161 -1.39 -3.66 18.04
CA GLY B 161 -0.01 -3.97 17.65
C GLY B 161 0.98 -2.93 18.14
N TYR B 162 2.22 -3.05 17.66
CA TYR B 162 3.27 -2.11 18.08
C TYR B 162 2.95 -0.64 17.69
N LEU B 163 2.24 -0.45 16.59
CA LEU B 163 1.81 0.89 16.17
C LEU B 163 0.78 1.43 17.13
N GLY B 164 -0.20 0.59 17.51
CA GLY B 164 -1.24 0.99 18.42
C GLY B 164 -0.73 1.25 19.84
N ARG B 165 0.37 0.61 20.20
CA ARG B 165 0.96 0.81 21.52
C ARG B 165 1.95 1.98 21.54
N GLY B 166 2.12 2.68 20.42
CA GLY B 166 3.00 3.87 20.33
C GLY B 166 4.47 3.52 20.29
N GLU B 167 4.78 2.31 19.79
CA GLU B 167 6.16 1.81 19.81
C GLU B 167 6.91 2.14 18.52
N GLY B 168 6.15 2.58 17.51
CA GLY B 168 6.72 2.93 16.24
C GLY B 168 5.70 3.71 15.42
N ILE B 169 6.15 4.20 14.27
CA ILE B 169 5.30 4.96 13.33
C ILE B 169 5.61 4.45 11.93
N GLU B 170 4.54 4.21 11.18
CA GLU B 170 4.69 3.69 9.84
C GLU B 170 4.31 4.76 8.84
N ALA B 171 4.87 4.69 7.62
CA ALA B 171 4.36 5.49 6.51
C ALA B 171 4.23 4.65 5.25
N GLN B 172 3.22 4.99 4.46
CA GLN B 172 2.94 4.32 3.20
C GLN B 172 2.88 5.42 2.15
N ALA B 173 3.35 5.14 0.93
CA ALA B 173 3.29 6.11 -0.18
C ALA B 173 2.97 5.46 -1.53
N ALA B 174 2.29 6.22 -2.38
CA ALA B 174 2.05 5.86 -3.77
C ALA B 174 2.47 7.06 -4.62
N ALA B 175 3.13 6.80 -5.76
CA ALA B 175 3.53 7.86 -6.65
C ALA B 175 3.21 7.49 -8.09
N LEU B 176 2.77 8.46 -8.87
CA LEU B 176 2.55 8.26 -10.29
C LEU B 176 3.49 9.19 -11.09
N VAL B 177 4.13 8.61 -12.10
CA VAL B 177 5.05 9.37 -12.95
C VAL B 177 4.74 9.08 -14.40
N VAL B 178 5.36 9.84 -15.30
CA VAL B 178 5.20 9.61 -16.73
C VAL B 178 6.51 9.87 -17.52
N ARG B 179 6.84 8.96 -18.45
CA ARG B 179 7.99 9.11 -19.34
C ARG B 179 7.56 9.74 -20.65
N MET C 22 -5.20 6.68 -21.91
CA MET C 22 -6.16 5.66 -22.43
C MET C 22 -6.74 4.95 -21.21
N ASP C 23 -7.13 3.69 -21.34
CA ASP C 23 -7.88 3.05 -20.24
C ASP C 23 -6.94 2.42 -19.19
N PHE C 24 -6.27 3.25 -18.40
CA PHE C 24 -5.37 2.73 -17.37
C PHE C 24 -6.11 2.25 -16.12
N ARG C 25 -5.54 1.25 -15.45
CA ARG C 25 -6.05 0.77 -14.16
C ARG C 25 -4.91 0.47 -13.24
N ILE C 26 -5.12 0.67 -11.95
CA ILE C 26 -4.11 0.28 -10.97
C ILE C 26 -4.56 -0.87 -10.07
N GLY C 27 -3.59 -1.64 -9.61
CA GLY C 27 -3.85 -2.73 -8.67
C GLY C 27 -2.80 -2.71 -7.56
N GLN C 28 -3.14 -3.33 -6.44
CA GLN C 28 -2.24 -3.36 -5.29
C GLN C 28 -2.36 -4.74 -4.67
N GLY C 29 -1.23 -5.25 -4.15
CA GLY C 29 -1.21 -6.59 -3.62
C GLY C 29 -0.46 -6.62 -2.31
N TYR C 30 -0.87 -7.58 -1.48
CA TYR C 30 -0.27 -7.82 -0.20
C TYR C 30 -0.16 -9.31 0.02
N ASP C 31 0.95 -9.74 0.63
CA ASP C 31 1.07 -11.13 1.06
C ASP C 31 1.99 -11.23 2.26
N VAL C 32 1.79 -12.25 3.07
CA VAL C 32 2.71 -12.53 4.16
C VAL C 32 2.76 -14.04 4.33
N HIS C 33 3.93 -14.58 4.69
CA HIS C 33 4.06 -15.98 5.03
C HIS C 33 4.98 -16.16 6.22
N GLN C 34 4.72 -17.19 7.01
CA GLN C 34 5.57 -17.54 8.13
C GLN C 34 6.88 -18.16 7.66
N LEU C 35 7.95 -17.85 8.39
CA LEU C 35 9.27 -18.47 8.19
C LEU C 35 9.41 -19.69 9.09
N VAL C 36 9.69 -20.84 8.50
CA VAL C 36 9.71 -22.13 9.25
C VAL C 36 10.96 -22.97 8.93
N PRO C 37 11.40 -23.80 9.88
CA PRO C 37 12.56 -24.68 9.61
C PRO C 37 12.31 -25.65 8.46
N GLY C 38 13.37 -26.07 7.77
CA GLY C 38 13.31 -27.18 6.81
C GLY C 38 12.57 -26.91 5.51
N ARG C 39 12.46 -25.63 5.18
CA ARG C 39 11.89 -25.20 3.92
C ARG C 39 12.92 -24.26 3.28
N PRO C 40 13.09 -24.35 1.95
CA PRO C 40 13.95 -23.41 1.23
C PRO C 40 13.32 -22.03 1.25
N LEU C 41 14.13 -20.99 1.32
CA LEU C 41 13.62 -19.63 1.21
C LEU C 41 13.64 -19.23 -0.27
N ILE C 42 12.46 -19.09 -0.85
CA ILE C 42 12.33 -18.67 -2.24
C ILE C 42 11.53 -17.37 -2.34
N ILE C 43 12.20 -16.34 -2.88
CA ILE C 43 11.55 -15.03 -3.04
C ILE C 43 11.86 -14.47 -4.40
N GLY C 44 10.82 -14.05 -5.12
CA GLY C 44 10.98 -13.55 -6.49
C GLY C 44 11.60 -14.64 -7.35
N GLY C 45 11.33 -15.89 -7.00
CA GLY C 45 11.83 -17.04 -7.75
C GLY C 45 13.29 -17.37 -7.47
N VAL C 46 13.92 -16.60 -6.57
CA VAL C 46 15.32 -16.82 -6.21
C VAL C 46 15.43 -17.64 -4.92
N THR C 47 16.19 -18.73 -4.97
CA THR C 47 16.52 -19.49 -3.76
C THR C 47 17.65 -18.80 -3.00
N ILE C 48 17.34 -18.39 -1.79
CA ILE C 48 18.27 -17.64 -0.95
C ILE C 48 18.71 -18.53 0.21
N PRO C 49 20.04 -18.74 0.36
CA PRO C 49 20.48 -19.62 1.45
C PRO C 49 20.08 -19.04 2.80
N TYR C 50 19.40 -19.85 3.61
CA TYR C 50 18.83 -19.39 4.88
C TYR C 50 18.36 -20.60 5.68
N GLU C 51 18.40 -20.47 7.00
CA GLU C 51 18.05 -21.56 7.94
C GLU C 51 16.54 -21.90 7.92
N ARG C 52 15.74 -20.96 7.45
CA ARG C 52 14.29 -21.15 7.35
C ARG C 52 13.78 -20.78 5.97
N GLY C 53 12.54 -21.16 5.69
CA GLY C 53 11.89 -20.82 4.43
C GLY C 53 10.44 -20.51 4.67
N LEU C 54 9.74 -20.10 3.61
CA LEU C 54 8.35 -19.66 3.76
C LEU C 54 7.37 -20.83 3.62
N LEU C 55 6.34 -20.80 4.45
CA LEU C 55 5.37 -21.88 4.53
C LEU C 55 4.10 -21.48 3.78
N GLY C 56 3.61 -22.40 2.94
CA GLY C 56 2.38 -22.16 2.19
C GLY C 56 2.13 -23.26 1.16
N ASP C 59 5.15 -22.96 -3.22
CA ASP C 59 6.50 -22.61 -2.74
C ASP C 59 6.47 -21.38 -1.84
N ALA C 60 5.26 -20.88 -1.58
CA ALA C 60 5.06 -19.72 -0.71
C ALA C 60 5.91 -18.50 -1.12
N ASP C 61 6.02 -18.24 -2.42
CA ASP C 61 6.80 -17.08 -2.85
C ASP C 61 5.98 -15.80 -2.62
N VAL C 62 6.22 -15.17 -1.47
CA VAL C 62 5.44 -14.02 -0.98
C VAL C 62 5.48 -12.85 -1.98
N LEU C 63 6.65 -12.62 -2.56
CA LEU C 63 6.80 -11.53 -3.52
C LEU C 63 5.95 -11.79 -4.78
N LEU C 64 6.06 -12.99 -5.35
CA LEU C 64 5.32 -13.28 -6.59
C LEU C 64 3.80 -13.32 -6.32
N HIS C 65 3.42 -13.81 -5.16
CA HIS C 65 2.01 -13.80 -4.75
C HIS C 65 1.46 -12.37 -4.65
N ALA C 66 2.23 -11.45 -4.07
CA ALA C 66 1.74 -10.06 -3.95
C ALA C 66 1.59 -9.45 -5.33
N ILE C 67 2.58 -9.68 -6.19
CA ILE C 67 2.52 -9.14 -7.55
C ILE C 67 1.33 -9.73 -8.34
N THR C 68 1.12 -11.03 -8.20
CA THR C 68 -0.02 -11.72 -8.79
C THR C 68 -1.37 -11.08 -8.36
N ASP C 69 -1.54 -10.85 -7.06
CA ASP C 69 -2.73 -10.16 -6.57
C ASP C 69 -2.87 -8.74 -7.11
N ALA C 70 -1.77 -7.99 -7.16
CA ALA C 70 -1.81 -6.64 -7.74
C ALA C 70 -2.29 -6.67 -9.18
N LEU C 71 -1.82 -7.63 -9.98
CA LEU C 71 -2.22 -7.75 -11.39
C LEU C 71 -3.69 -8.15 -11.55
N PHE C 72 -4.14 -9.15 -10.80
CA PHE C 72 -5.57 -9.52 -10.82
C PHE C 72 -6.43 -8.33 -10.35
N GLY C 73 -5.91 -7.57 -9.38
CA GLY C 73 -6.62 -6.39 -8.88
C GLY C 73 -6.78 -5.33 -9.94
N ALA C 74 -5.69 -5.02 -10.65
CA ALA C 74 -5.74 -4.00 -11.70
C ALA C 74 -6.69 -4.39 -12.82
N ALA C 75 -6.74 -5.69 -13.15
CA ALA C 75 -7.64 -6.17 -14.23
C ALA C 75 -9.04 -6.49 -13.69
N ALA C 76 -9.27 -6.23 -12.40
CA ALA C 76 -10.54 -6.55 -11.71
C ALA C 76 -11.02 -8.00 -11.96
N LEU C 77 -10.09 -8.93 -11.77
CA LEU C 77 -10.36 -10.34 -11.96
C LEU C 77 -10.43 -11.09 -10.64
N GLY C 78 -10.51 -10.36 -9.52
CA GLY C 78 -10.60 -10.98 -8.19
C GLY C 78 -9.24 -11.08 -7.54
N ASP C 79 -8.88 -12.29 -7.11
CA ASP C 79 -7.61 -12.54 -6.42
C ASP C 79 -7.07 -13.96 -6.68
N ILE C 80 -5.86 -14.18 -6.18
CA ILE C 80 -5.09 -15.40 -6.34
C ILE C 80 -5.90 -16.62 -5.86
N GLY C 81 -6.57 -16.46 -4.72
CA GLY C 81 -7.40 -17.52 -4.13
C GLY C 81 -8.61 -17.91 -4.97
N ARG C 82 -9.16 -16.96 -5.72
CA ARG C 82 -10.29 -17.26 -6.59
C ARG C 82 -9.89 -17.87 -7.95
N HIS C 83 -8.60 -17.75 -8.30
CA HIS C 83 -8.12 -18.30 -9.58
C HIS C 83 -7.45 -19.68 -9.48
N PHE C 84 -6.75 -19.90 -8.38
CA PHE C 84 -5.82 -21.03 -8.30
C PHE C 84 -6.13 -22.00 -7.16
N ASP C 95 4.41 -24.21 -9.17
CA ASP C 95 5.13 -23.24 -8.33
C ASP C 95 4.67 -21.83 -8.63
N SER C 96 5.17 -20.86 -7.89
CA SER C 96 4.62 -19.51 -7.95
C SER C 96 4.92 -18.80 -9.25
N ARG C 97 5.97 -19.23 -9.94
CA ARG C 97 6.33 -18.63 -11.22
C ARG C 97 5.34 -19.08 -12.30
N ALA C 98 4.96 -20.36 -12.26
CA ALA C 98 3.92 -20.87 -13.18
C ALA C 98 2.61 -20.11 -12.93
N LEU C 99 2.31 -19.87 -11.66
CA LEU C 99 1.12 -19.13 -11.30
C LEU C 99 1.18 -17.69 -11.76
N LEU C 100 2.37 -17.11 -11.70
CA LEU C 100 2.53 -15.73 -12.14
C LEU C 100 2.36 -15.64 -13.65
N ARG C 101 2.89 -16.65 -14.36
CA ARG C 101 2.68 -16.76 -15.82
C ARG C 101 1.21 -16.90 -16.20
N GLU C 102 0.49 -17.75 -15.50
CA GLU C 102 -0.96 -17.90 -15.69
C GLU C 102 -1.74 -16.58 -15.43
N CYS C 103 -1.36 -15.90 -14.35
CA CYS C 103 -1.95 -14.61 -14.00
C CYS C 103 -1.80 -13.67 -15.18
N ALA C 104 -0.56 -13.57 -15.70
CA ALA C 104 -0.29 -12.70 -16.85
C ALA C 104 -1.14 -13.11 -18.06
N SER C 105 -1.30 -14.42 -18.24
CA SER C 105 -2.17 -14.95 -19.30
C SER C 105 -3.62 -14.43 -19.13
N ARG C 106 -4.15 -14.56 -17.92
CA ARG C 106 -5.52 -14.15 -17.63
C ARG C 106 -5.72 -12.65 -17.79
N VAL C 107 -4.71 -11.88 -17.41
CA VAL C 107 -4.72 -10.44 -17.59
C VAL C 107 -4.84 -10.06 -19.06
N ALA C 108 -4.03 -10.72 -19.90
CA ALA C 108 -4.06 -10.45 -21.32
C ALA C 108 -5.40 -10.93 -21.90
N GLN C 109 -5.92 -12.04 -21.39
CA GLN C 109 -7.18 -12.62 -21.86
C GLN C 109 -8.34 -11.64 -21.62
N ALA C 110 -8.23 -10.85 -20.55
CA ALA C 110 -9.22 -9.82 -20.20
C ALA C 110 -9.03 -8.54 -21.03
N GLY C 111 -7.96 -8.50 -21.85
CA GLY C 111 -7.69 -7.37 -22.74
C GLY C 111 -6.72 -6.30 -22.23
N PHE C 112 -6.02 -6.60 -21.14
CA PHE C 112 -5.08 -5.64 -20.59
C PHE C 112 -3.63 -5.94 -20.93
N ALA C 113 -2.85 -4.87 -21.10
CA ALA C 113 -1.41 -4.97 -21.23
C ALA C 113 -0.80 -4.47 -19.92
N ILE C 114 0.28 -5.12 -19.46
CA ILE C 114 0.96 -4.67 -18.24
C ILE C 114 1.95 -3.53 -18.54
N ARG C 115 1.88 -2.44 -17.77
CA ARG C 115 2.75 -1.28 -18.06
C ARG C 115 3.95 -1.27 -17.13
N ASN C 116 3.72 -1.53 -15.84
CA ASN C 116 4.82 -1.66 -14.89
C ASN C 116 4.40 -2.34 -13.60
N VAL C 117 5.40 -2.86 -12.88
CA VAL C 117 5.19 -3.44 -11.54
CA VAL C 117 5.16 -3.37 -11.53
C VAL C 117 6.25 -2.84 -10.62
N ASP C 118 5.84 -2.52 -9.39
CA ASP C 118 6.74 -2.12 -8.33
C ASP C 118 6.39 -2.94 -7.10
N SER C 119 7.36 -3.12 -6.21
CA SER C 119 7.14 -4.00 -5.06
C SER C 119 8.12 -3.73 -3.93
N THR C 120 7.77 -4.19 -2.73
CA THR C 120 8.66 -4.11 -1.58
C THR C 120 8.59 -5.43 -0.83
N ILE C 121 9.76 -5.96 -0.46
CA ILE C 121 9.83 -7.12 0.43
C ILE C 121 10.20 -6.58 1.81
N ILE C 122 9.48 -7.01 2.85
CA ILE C 122 9.82 -6.62 4.22
CA ILE C 122 9.82 -6.63 4.21
C ILE C 122 10.33 -7.86 4.92
N ALA C 123 11.64 -7.89 5.18
CA ALA C 123 12.28 -9.02 5.83
C ALA C 123 13.42 -8.47 6.68
N GLN C 124 13.39 -8.84 7.95
CA GLN C 124 14.46 -8.48 8.86
C GLN C 124 15.77 -9.17 8.42
N ALA C 125 15.64 -10.41 7.97
CA ALA C 125 16.77 -11.24 7.53
C ALA C 125 16.25 -12.29 6.54
N PRO C 126 17.13 -12.84 5.68
CA PRO C 126 18.52 -12.50 5.44
C PRO C 126 18.68 -11.25 4.57
N LYS C 127 19.93 -10.94 4.24
CA LYS C 127 20.27 -9.87 3.32
C LYS C 127 19.77 -10.19 1.89
N LEU C 128 18.89 -9.33 1.37
CA LEU C 128 18.28 -9.58 0.06
C LEU C 128 18.93 -8.82 -1.09
N ALA C 129 19.69 -7.78 -0.75
CA ALA C 129 20.36 -6.92 -1.74
C ALA C 129 21.02 -7.64 -2.92
N PRO C 130 21.82 -8.72 -2.67
CA PRO C 130 22.54 -9.41 -3.74
C PRO C 130 21.65 -10.25 -4.66
N HIS C 131 20.37 -10.34 -4.30
CA HIS C 131 19.42 -11.21 -4.97
C HIS C 131 18.37 -10.45 -5.78
N ILE C 132 18.30 -9.13 -5.57
CA ILE C 132 17.21 -8.31 -6.10
C ILE C 132 17.18 -8.22 -7.61
N ASP C 133 18.33 -7.99 -8.25
CA ASP C 133 18.34 -7.91 -9.70
C ASP C 133 17.89 -9.23 -10.33
N ALA C 134 18.25 -10.36 -9.73
CA ALA C 134 17.77 -11.66 -10.22
C ALA C 134 16.24 -11.82 -10.08
N MET C 135 15.66 -11.31 -8.99
CA MET C 135 14.20 -11.31 -8.84
C MET C 135 13.54 -10.50 -9.93
N ARG C 136 14.09 -9.31 -10.20
CA ARG C 136 13.57 -8.44 -11.25
C ARG C 136 13.59 -9.15 -12.60
N ALA C 137 14.73 -9.79 -12.90
CA ALA C 137 14.89 -10.55 -14.14
C ALA C 137 13.86 -11.69 -14.25
N ASN C 138 13.69 -12.46 -13.18
CA ASN C 138 12.67 -13.51 -13.10
C ASN C 138 11.26 -12.98 -13.37
N ILE C 139 10.86 -11.92 -12.67
CA ILE C 139 9.54 -11.28 -12.88
C ILE C 139 9.35 -10.75 -14.33
N ALA C 140 10.36 -10.04 -14.83
CA ALA C 140 10.36 -9.51 -16.19
C ALA C 140 10.12 -10.63 -17.20
N ALA C 141 10.88 -11.72 -17.06
CA ALA C 141 10.74 -12.87 -17.96
C ALA C 141 9.33 -13.44 -17.87
N ASP C 142 8.82 -13.60 -16.65
CA ASP C 142 7.53 -14.22 -16.44
C ASP C 142 6.36 -13.38 -16.97
N LEU C 143 6.49 -12.05 -16.86
CA LEU C 143 5.47 -11.12 -17.33
C LEU C 143 5.67 -10.65 -18.78
N ASP C 144 6.72 -11.15 -19.42
CA ASP C 144 7.14 -10.69 -20.75
C ASP C 144 7.29 -9.15 -20.75
N LEU C 145 8.02 -8.65 -19.75
CA LEU C 145 8.31 -7.22 -19.62
C LEU C 145 9.79 -6.91 -19.73
N PRO C 146 10.13 -5.71 -20.22
CA PRO C 146 11.54 -5.30 -20.18
C PRO C 146 11.92 -4.98 -18.74
N LEU C 147 13.21 -5.07 -18.43
CA LEU C 147 13.67 -4.89 -17.05
C LEU C 147 13.27 -3.56 -16.44
N ASP C 148 13.27 -2.51 -17.25
CA ASP C 148 13.02 -1.16 -16.76
C ASP C 148 11.55 -0.90 -16.44
N ARG C 149 10.69 -1.93 -16.54
CA ARG C 149 9.27 -1.81 -16.15
C ARG C 149 8.93 -2.66 -14.91
N VAL C 150 9.97 -3.22 -14.30
CA VAL C 150 9.85 -4.09 -13.15
C VAL C 150 10.77 -3.61 -12.05
N ASN C 151 10.21 -3.38 -10.87
CA ASN C 151 11.03 -2.99 -9.76
C ASN C 151 10.78 -3.80 -8.52
N VAL C 152 11.85 -4.08 -7.78
CA VAL C 152 11.77 -4.74 -6.48
C VAL C 152 12.61 -3.98 -5.46
N LYS C 153 12.01 -3.71 -4.29
CA LYS C 153 12.68 -2.99 -3.21
C LYS C 153 12.67 -3.84 -1.96
N ALA C 154 13.55 -3.56 -1.00
CA ALA C 154 13.61 -4.33 0.25
C ALA C 154 13.77 -3.42 1.46
N LYS C 155 13.14 -3.83 2.56
CA LYS C 155 13.13 -3.09 3.82
C LYS C 155 13.21 -4.08 4.98
N THR C 156 13.84 -3.69 6.09
CA THR C 156 13.65 -4.45 7.35
C THR C 156 12.40 -3.90 8.04
N ASN C 157 12.05 -4.46 9.19
CA ASN C 157 10.97 -3.87 9.98
C ASN C 157 11.45 -3.20 11.27
N GLU C 158 12.74 -2.85 11.30
CA GLU C 158 13.34 -2.19 12.45
C GLU C 158 13.05 -2.94 13.77
N LYS C 159 13.11 -4.28 13.69
CA LYS C 159 12.93 -5.14 14.87
C LYS C 159 11.54 -5.06 15.53
N LEU C 160 10.53 -4.58 14.80
CA LEU C 160 9.19 -4.42 15.37
C LEU C 160 8.25 -5.52 14.88
N GLY C 161 7.42 -6.03 15.80
CA GLY C 161 6.37 -6.98 15.42
C GLY C 161 6.91 -8.33 14.95
N TYR C 162 6.03 -9.14 14.38
CA TYR C 162 6.45 -10.49 13.94
C TYR C 162 7.50 -10.41 12.81
N LEU C 163 7.38 -9.40 11.93
CA LEU C 163 8.42 -9.19 10.90
C LEU C 163 9.80 -8.91 11.53
N GLY C 164 9.80 -8.02 12.52
CA GLY C 164 11.02 -7.65 13.26
C GLY C 164 11.67 -8.81 13.98
N ARG C 165 10.85 -9.74 14.47
CA ARG C 165 11.35 -10.93 15.14
C ARG C 165 11.69 -12.08 14.17
N GLY C 166 11.50 -11.84 12.88
CA GLY C 166 11.82 -12.81 11.82
C GLY C 166 10.89 -14.01 11.83
N GLU C 167 9.64 -13.78 12.22
CA GLU C 167 8.63 -14.83 12.25
C GLU C 167 7.94 -14.99 10.90
N GLY C 168 8.04 -13.97 10.07
CA GLY C 168 7.51 -14.04 8.69
C GLY C 168 8.14 -13.00 7.80
N ILE C 169 7.73 -13.00 6.53
CA ILE C 169 8.20 -12.02 5.54
C ILE C 169 6.96 -11.52 4.79
N GLU C 170 6.88 -10.21 4.60
CA GLU C 170 5.76 -9.58 3.92
C GLU C 170 6.22 -9.11 2.55
N ALA C 171 5.31 -9.08 1.59
CA ALA C 171 5.51 -8.36 0.33
C ALA C 171 4.31 -7.48 -0.01
N GLN C 172 4.60 -6.35 -0.65
CA GLN C 172 3.63 -5.39 -1.15
C GLN C 172 3.92 -5.17 -2.62
N ALA C 173 2.87 -5.01 -3.40
CA ALA C 173 3.06 -4.74 -4.83
C ALA C 173 2.06 -3.73 -5.35
N ALA C 174 2.48 -3.02 -6.38
CA ALA C 174 1.58 -2.15 -7.13
C ALA C 174 1.82 -2.45 -8.62
N ALA C 175 0.73 -2.49 -9.39
CA ALA C 175 0.80 -2.69 -10.85
C ALA C 175 -0.05 -1.73 -11.63
N LEU C 176 0.47 -1.26 -12.76
CA LEU C 176 -0.32 -0.48 -13.67
C LEU C 176 -0.54 -1.25 -14.96
N VAL C 177 -1.79 -1.32 -15.41
CA VAL C 177 -2.12 -1.98 -16.69
C VAL C 177 -2.91 -1.01 -17.57
N VAL C 178 -3.11 -1.36 -18.84
CA VAL C 178 -3.95 -0.55 -19.69
C VAL C 178 -4.79 -1.48 -20.58
N ARG C 179 -6.09 -1.17 -20.72
CA ARG C 179 -6.93 -1.94 -21.62
C ARG C 179 -6.86 -1.31 -22.99
N GLU C 180 -6.30 -2.04 -23.95
CA GLU C 180 -6.12 -1.56 -25.31
C GLU C 180 -7.24 -2.05 -26.22
ZN ZN D . -12.36 3.14 9.72
I I5A E . -6.03 -16.54 1.20
N1 I5A E . -10.55 -15.62 2.11
C2 I5A E . -11.77 -15.61 2.68
O2 I5A E . -12.75 -16.09 2.05
N3 I5A E . -11.95 -15.06 3.92
C4 I5A E . -10.91 -14.54 4.59
N4 I5A E . -11.14 -14.02 5.80
C5 I5A E . -9.62 -14.54 4.03
C6 I5A E . -9.49 -15.11 2.75
C1' I5A E . -10.47 -16.21 0.75
C2' I5A E . -9.77 -15.23 -0.16
O2' I5A E . -10.72 -14.62 -1.03
C3' I5A E . -8.70 -16.03 -0.87
O3' I5A E . -9.08 -16.06 -2.25
C4' I5A E . -8.69 -17.46 -0.30
O4' I5A E . -9.74 -17.45 0.68
C5' I5A E . -7.53 -17.94 0.57
CL CL F . -4.80 -15.40 9.88
K K G . 0.74 -3.63 7.67
ZN ZN H . 13.26 5.32 7.20
I I5A I . -8.07 8.04 12.47
I I5A I . -10.57 11.37 14.88
N1 I5A I . -5.25 11.91 12.90
N1 I5A I . -5.33 11.95 12.99
C2 I5A I . -4.31 12.77 13.40
C2 I5A I . -4.40 12.82 13.40
O2 I5A I . -4.43 14.02 13.35
O2 I5A I . -4.62 14.04 13.32
N3 I5A I . -3.16 12.33 13.97
N3 I5A I . -3.23 12.41 13.94
C4 I5A I . -2.91 11.02 14.10
C4 I5A I . -2.97 11.09 14.05
N4 I5A I . -1.75 10.62 14.69
N4 I5A I . -1.79 10.68 14.57
C5 I5A I . -3.84 10.11 13.63
C5 I5A I . -3.91 10.17 13.63
C6 I5A I . -5.01 10.59 13.03
C6 I5A I . -5.11 10.63 13.09
C1' I5A I . -6.53 12.36 12.28
C1' I5A I . -6.60 12.43 12.42
C2' I5A I . -6.84 11.87 10.87
C2' I5A I . -6.84 11.75 11.08
O2' I5A I . -7.71 12.79 10.20
O2' I5A I . -7.27 12.71 10.13
C3' I5A I . -7.68 10.64 11.08
C3' I5A I . -7.96 10.76 11.36
O3' I5A I . -8.46 10.33 9.91
O3' I5A I . -8.78 10.55 10.20
C4' I5A I . -8.53 11.04 12.30
C4' I5A I . -8.73 11.42 12.49
O4' I5A I . -7.62 11.86 13.07
O4' I5A I . -7.72 12.09 13.25
C5' I5A I . -8.91 9.86 13.18
C5' I5A I . -9.48 10.39 13.33
ZN ZN J . 1.35 -16.22 -0.53
I I5A K . 16.58 -0.69 4.50
N1 I5A K . 17.89 -4.81 2.36
C2 I5A K . 18.38 -6.05 2.18
O2 I5A K . 19.34 -6.26 1.40
N3 I5A K . 17.84 -7.11 2.86
C4 I5A K . 16.81 -6.92 3.70
N4 I5A K . 16.30 -7.98 4.33
C5 I5A K . 16.29 -5.64 3.90
C6 I5A K . 16.86 -4.58 3.20
C1' I5A K . 18.53 -3.72 1.61
C2' I5A K . 17.51 -2.82 0.92
O2' I5A K . 17.46 -3.09 -0.49
C3' I5A K . 18.00 -1.42 1.23
O3' I5A K . 18.71 -0.98 0.06
C4' I5A K . 18.95 -1.52 2.42
O4' I5A K . 19.30 -2.91 2.49
C5' I5A K . 18.57 -1.21 3.89
#